data_2Y3N
#
_entry.id   2Y3N
#
_cell.length_a   43.410
_cell.length_b   116.120
_cell.length_c   45.160
_cell.angle_alpha   90.00
_cell.angle_beta   112.45
_cell.angle_gamma   90.00
#
_symmetry.space_group_name_H-M   'P 1 21 1'
#
loop_
_entity.id
_entity.type
_entity.pdbx_description
1 polymer 'CELLULOSOMAL SCAFFOLDIN'
2 polymer 'CELLULOSOMAL FAMILY-48 PROCESSIVE GLYCOSIDE HYDROLASE'
3 non-polymer 'CALCIUM ION'
4 water water
#
loop_
_entity_poly.entity_id
_entity_poly.type
_entity_poly.pdbx_seq_one_letter_code
_entity_poly.pdbx_strand_id
1 'polypeptide(L)'
;MASGSVLTAIDNDKVAVGDKVTLTINVDKITNFSGYQFNIKYNTTYLQPWDTIADEAYTDSTMPDYGTLLQGRFNATDMS
KHNLSQGVLNFGRLYMNLSAYRASGKPESTGAVAKVTFKVIKEIPAEGIKLATFENGSSMNNAVDGTMLFDWDGNMYSSS
AYKVVQPGLIYPKLEHHHHHH
;
A,C
2 'polypeptide(L)' MFVKLKGDLNGDGVINMADVMILAQSFGKAIGNPGVNEKADLNNDGVINSDDAIILAQYFGKTKSAEVVMF B,D
#
# COMPACT_ATOMS: atom_id res chain seq x y z
N SER A 3 5.88 2.45 -27.25
CA SER A 3 5.60 1.38 -26.25
C SER A 3 6.29 1.66 -24.90
N GLY A 4 6.04 0.82 -23.91
CA GLY A 4 6.72 1.01 -22.64
C GLY A 4 8.21 0.67 -22.65
N SER A 5 8.90 1.13 -21.62
CA SER A 5 10.28 0.71 -21.46
C SER A 5 10.68 0.55 -20.01
N VAL A 6 11.73 -0.24 -19.81
CA VAL A 6 12.53 -0.14 -18.56
C VAL A 6 13.81 0.62 -18.98
N LEU A 7 14.12 1.72 -18.30
CA LEU A 7 15.31 2.53 -18.73
C LEU A 7 16.15 2.75 -17.47
N THR A 8 17.47 2.90 -17.60
CA THR A 8 18.23 3.07 -16.42
C THR A 8 19.19 4.24 -16.69
N ALA A 9 19.57 4.90 -15.63
CA ALA A 9 20.60 5.96 -15.78
C ALA A 9 21.59 5.88 -14.64
N ILE A 10 22.78 6.44 -14.84
CA ILE A 10 23.70 6.56 -13.72
C ILE A 10 24.11 8.01 -13.58
N ASP A 11 24.60 8.37 -12.39
CA ASP A 11 25.03 9.71 -12.06
C ASP A 11 26.48 10.08 -12.45
N ASN A 12 27.34 9.09 -12.75
CA ASN A 12 28.67 9.33 -13.30
C ASN A 12 29.21 8.03 -13.88
N ASP A 13 29.91 8.12 -15.00
CA ASP A 13 30.40 6.87 -15.55
C ASP A 13 31.91 6.69 -15.44
N LYS A 14 32.57 7.61 -14.69
CA LYS A 14 33.99 7.52 -14.38
C LYS A 14 34.19 7.36 -12.88
N VAL A 15 34.77 6.26 -12.47
CA VAL A 15 34.79 5.88 -11.09
C VAL A 15 36.18 5.43 -10.68
N ALA A 16 36.58 5.80 -9.46
CA ALA A 16 37.81 5.23 -8.87
C ALA A 16 37.39 4.24 -7.83
N VAL A 17 38.34 3.42 -7.34
CA VAL A 17 38.07 2.50 -6.24
C VAL A 17 37.51 3.28 -5.05
N GLY A 18 36.42 2.76 -4.49
CA GLY A 18 35.76 3.29 -3.32
C GLY A 18 34.69 4.31 -3.61
N ASP A 19 34.58 4.69 -4.87
CA ASP A 19 33.51 5.59 -5.29
C ASP A 19 32.22 4.79 -5.34
N LYS A 20 31.12 5.52 -5.33
CA LYS A 20 29.76 4.95 -5.43
C LYS A 20 29.08 5.47 -6.67
N VAL A 21 28.42 4.56 -7.40
CA VAL A 21 27.67 4.94 -8.56
C VAL A 21 26.23 4.40 -8.34
N THR A 22 25.26 5.26 -8.62
CA THR A 22 23.86 4.93 -8.38
C THR A 22 23.14 4.70 -9.69
N LEU A 23 22.60 3.49 -9.84
CA LEU A 23 21.85 3.14 -11.04
C LEU A 23 20.37 3.42 -10.72
N THR A 24 19.81 4.44 -11.36
CA THR A 24 18.36 4.69 -11.25
C THR A 24 17.60 3.85 -12.23
N ILE A 25 16.62 3.08 -11.74
CA ILE A 25 15.83 2.23 -12.67
C ILE A 25 14.40 2.81 -12.88
N ASN A 26 14.06 3.15 -14.14
CA ASN A 26 12.75 3.81 -14.44
C ASN A 26 11.90 2.86 -15.20
N VAL A 27 10.62 2.97 -14.97
CA VAL A 27 9.67 2.41 -15.97
C VAL A 27 9.06 3.60 -16.72
N ASP A 28 8.81 3.45 -18.01
CA ASP A 28 8.22 4.53 -18.78
C ASP A 28 7.06 3.98 -19.53
N LYS A 29 5.89 4.64 -19.40
CA LYS A 29 4.66 4.28 -20.14
C LYS A 29 4.20 2.81 -19.94
N ILE A 30 4.31 2.31 -18.70
CA ILE A 30 3.76 0.99 -18.37
C ILE A 30 2.42 1.24 -17.69
N THR A 31 1.37 1.14 -18.49
CA THR A 31 0.00 1.46 -18.10
C THR A 31 -0.44 0.64 -16.88
N ASN A 32 -1.06 1.33 -15.95
CA ASN A 32 -1.62 0.69 -14.76
C ASN A 32 -0.58 -0.21 -14.05
N PHE A 33 0.63 0.26 -13.98
CA PHE A 33 1.73 -0.51 -13.42
C PHE A 33 1.46 -0.77 -11.96
N SER A 34 1.72 -2.00 -11.51
CA SER A 34 1.48 -2.41 -10.09
C SER A 34 2.65 -3.07 -9.40
N GLY A 35 3.69 -3.42 -10.15
CA GLY A 35 4.77 -4.19 -9.55
C GLY A 35 5.77 -4.69 -10.56
N TYR A 36 6.98 -4.97 -10.07
CA TYR A 36 8.03 -5.44 -10.97
C TYR A 36 8.86 -6.46 -10.23
N GLN A 37 9.63 -7.22 -10.98
CA GLN A 37 10.77 -7.97 -10.38
C GLN A 37 11.90 -7.82 -11.39
N PHE A 38 13.13 -7.57 -10.90
CA PHE A 38 14.33 -7.60 -11.71
C PHE A 38 15.30 -8.65 -11.22
N ASN A 39 16.07 -9.22 -12.13
CA ASN A 39 17.29 -10.00 -11.80
C ASN A 39 18.37 -9.26 -12.49
N ILE A 40 19.37 -8.80 -11.71
CA ILE A 40 20.38 -7.93 -12.26
C ILE A 40 21.74 -8.52 -11.93
N LYS A 41 22.55 -8.75 -12.97
CA LYS A 41 23.82 -9.41 -12.85
C LYS A 41 24.93 -8.32 -12.84
N TYR A 42 25.73 -8.33 -11.81
CA TYR A 42 26.91 -7.39 -11.77
C TYR A 42 28.19 -8.20 -11.59
N ASN A 43 29.37 -7.53 -11.81
CA ASN A 43 30.67 -8.22 -11.72
C ASN A 43 31.22 -8.07 -10.33
N THR A 44 31.31 -9.18 -9.60
CA THR A 44 31.70 -9.16 -8.17
C THR A 44 33.18 -8.81 -8.01
N THR A 45 33.93 -8.99 -9.08
CA THR A 45 35.32 -8.54 -9.12
C THR A 45 35.49 -7.06 -8.86
N TYR A 46 34.60 -6.25 -9.44
CA TYR A 46 34.79 -4.79 -9.44
C TYR A 46 33.78 -4.06 -8.57
N LEU A 47 32.61 -4.68 -8.34
CA LEU A 47 31.52 -3.94 -7.67
C LEU A 47 30.91 -4.69 -6.51
N GLN A 48 30.37 -3.92 -5.58
CA GLN A 48 29.63 -4.42 -4.42
C GLN A 48 28.44 -3.53 -4.20
N PRO A 49 27.25 -4.14 -4.20
CA PRO A 49 26.08 -3.34 -3.97
C PRO A 49 26.10 -2.79 -2.58
N TRP A 50 25.62 -1.56 -2.41
CA TRP A 50 25.90 -0.75 -1.23
C TRP A 50 24.63 -0.11 -0.77
N ASP A 51 24.25 -0.38 0.46
CA ASP A 51 23.00 0.17 1.01
C ASP A 51 23.24 1.60 1.45
N THR A 52 22.69 2.56 0.72
CA THR A 52 22.95 3.99 1.02
C THR A 52 22.26 4.43 2.29
N ILE A 53 21.14 3.79 2.67
CA ILE A 53 20.44 4.12 3.94
C ILE A 53 21.42 3.83 5.07
N ALA A 54 21.74 2.54 5.23
CA ALA A 54 22.59 2.02 6.31
C ALA A 54 24.04 2.34 6.09
N ASP A 55 24.39 2.76 4.88
CA ASP A 55 25.80 2.98 4.53
C ASP A 55 26.64 1.72 4.84
N GLU A 56 26.35 0.61 4.14
CA GLU A 56 26.99 -0.69 4.37
C GLU A 56 26.75 -1.60 3.14
N ALA A 57 27.63 -2.58 2.90
CA ALA A 57 27.40 -3.57 1.87
C ALA A 57 26.04 -4.28 2.08
N TYR A 58 25.33 -4.55 0.97
CA TYR A 58 24.13 -5.39 1.02
C TYR A 58 24.32 -6.68 1.81
N THR A 59 23.23 -7.15 2.38
CA THR A 59 23.17 -8.55 2.77
C THR A 59 22.25 -9.16 1.71
N ASP A 60 21.99 -10.45 1.85
CA ASP A 60 21.28 -11.18 0.81
C ASP A 60 19.82 -10.76 0.74
N SER A 61 19.34 -10.00 1.72
CA SER A 61 17.91 -9.60 1.62
C SER A 61 17.75 -8.09 1.62
N THR A 62 18.87 -7.34 1.46
CA THR A 62 18.75 -5.89 1.40
C THR A 62 17.91 -5.40 0.21
N MET A 63 16.95 -4.53 0.50
CA MET A 63 16.14 -3.91 -0.56
C MET A 63 16.83 -2.65 -1.07
N PRO A 64 16.92 -2.51 -2.43
CA PRO A 64 17.48 -1.29 -2.99
C PRO A 64 16.64 -0.15 -2.56
N ASP A 65 17.18 1.07 -2.63
CA ASP A 65 16.42 2.28 -2.30
C ASP A 65 15.20 2.43 -3.25
N TYR A 66 14.19 3.15 -2.79
CA TYR A 66 12.96 3.32 -3.58
C TYR A 66 13.04 4.50 -4.49
N GLY A 67 12.11 4.50 -5.45
CA GLY A 67 11.87 5.64 -6.35
C GLY A 67 10.56 6.38 -5.96
N THR A 68 9.85 6.94 -6.94
CA THR A 68 8.65 7.73 -6.64
C THR A 68 7.45 6.79 -6.88
N LEU A 69 7.65 5.71 -7.64
CA LEU A 69 6.52 4.77 -7.87
C LEU A 69 6.40 3.74 -6.79
N LEU A 70 5.20 3.15 -6.66
CA LEU A 70 4.93 2.11 -5.71
C LEU A 70 5.05 2.66 -4.31
N GLN A 71 4.78 3.96 -4.16
CA GLN A 71 4.89 4.58 -2.81
C GLN A 71 3.54 4.84 -2.14
N GLY A 72 2.48 4.49 -2.85
CA GLY A 72 1.12 4.68 -2.40
C GLY A 72 0.77 3.71 -1.28
N ARG A 73 -0.48 3.80 -0.84
CA ARG A 73 -0.90 3.11 0.36
C ARG A 73 -1.71 1.88 0.05
N PHE A 74 -1.20 1.07 -0.88
CA PHE A 74 -1.95 -0.13 -1.25
C PHE A 74 -1.15 -1.39 -0.85
N ASN A 75 -0.75 -1.43 0.41
CA ASN A 75 0.08 -2.52 0.96
C ASN A 75 1.28 -2.88 0.07
N ALA A 76 2.01 -1.83 -0.28
CA ALA A 76 3.22 -1.99 -1.07
C ALA A 76 4.16 -2.92 -0.29
N THR A 77 4.69 -3.92 -0.97
CA THR A 77 5.43 -4.97 -0.35
C THR A 77 6.68 -5.24 -1.18
N ASP A 78 7.79 -5.53 -0.51
CA ASP A 78 9.05 -5.76 -1.16
C ASP A 78 9.30 -7.25 -1.10
N MET A 79 9.97 -7.79 -2.12
CA MET A 79 10.58 -9.12 -2.10
C MET A 79 12.05 -8.94 -2.46
N SER A 80 12.97 -9.60 -1.77
CA SER A 80 14.43 -9.56 -2.19
C SER A 80 15.24 -10.79 -1.68
N LYS A 81 15.89 -11.52 -2.58
CA LYS A 81 16.78 -12.62 -2.15
C LYS A 81 17.90 -12.67 -3.14
N HIS A 82 19.04 -12.04 -2.79
CA HIS A 82 20.10 -11.86 -3.72
C HIS A 82 21.04 -13.06 -3.63
N ASN A 83 21.84 -13.24 -4.67
CA ASN A 83 22.97 -14.14 -4.59
C ASN A 83 24.22 -13.28 -4.74
N LEU A 84 24.71 -12.74 -3.64
CA LEU A 84 25.84 -11.78 -3.71
C LEU A 84 27.14 -12.44 -4.12
N SER A 85 27.40 -13.67 -3.67
CA SER A 85 28.65 -14.32 -4.10
C SER A 85 28.70 -14.51 -5.62
N GLN A 86 27.56 -14.76 -6.26
CA GLN A 86 27.50 -14.89 -7.76
C GLN A 86 27.08 -13.55 -8.47
N GLY A 87 27.04 -12.44 -7.73
CA GLY A 87 26.70 -11.14 -8.37
C GLY A 87 25.35 -11.01 -9.01
N VAL A 88 24.34 -11.52 -8.32
CA VAL A 88 22.95 -11.40 -8.86
C VAL A 88 22.01 -10.81 -7.81
N LEU A 89 21.40 -9.68 -8.16
CA LEU A 89 20.34 -9.07 -7.33
C LEU A 89 19.02 -9.61 -7.82
N ASN A 90 18.15 -9.97 -6.87
CA ASN A 90 16.87 -10.50 -7.24
C ASN A 90 15.88 -9.82 -6.32
N PHE A 91 15.16 -8.83 -6.84
CA PHE A 91 14.25 -8.08 -5.96
C PHE A 91 13.07 -7.56 -6.75
N GLY A 92 12.02 -7.21 -6.01
CA GLY A 92 10.81 -6.64 -6.61
C GLY A 92 9.94 -5.91 -5.56
N ARG A 93 9.00 -5.15 -6.04
CA ARG A 93 8.07 -4.49 -5.18
C ARG A 93 6.72 -4.45 -5.92
N LEU A 94 5.64 -4.47 -5.17
CA LEU A 94 4.33 -4.43 -5.80
C LEU A 94 3.31 -3.92 -4.82
N TYR A 95 2.19 -3.37 -5.31
CA TYR A 95 1.09 -3.10 -4.43
C TYR A 95 0.40 -4.43 -4.22
N MET A 96 0.38 -4.93 -2.98
CA MET A 96 -0.33 -6.15 -2.74
C MET A 96 -1.81 -6.00 -2.80
N ASN A 97 -2.32 -4.82 -2.42
CA ASN A 97 -3.76 -4.59 -2.49
C ASN A 97 -4.22 -4.09 -3.86
N LEU A 98 -4.26 -5.00 -4.81
CA LEU A 98 -4.51 -4.67 -6.17
C LEU A 98 -5.92 -4.12 -6.37
N SER A 99 -6.87 -4.62 -5.61
CA SER A 99 -8.22 -4.12 -5.66
C SER A 99 -8.38 -2.66 -5.17
N ALA A 100 -7.80 -2.35 -4.02
CA ALA A 100 -7.81 -0.94 -3.54
C ALA A 100 -7.08 0.00 -4.52
N TYR A 101 -6.06 -0.50 -5.19
CA TYR A 101 -5.29 0.27 -6.15
C TYR A 101 -6.17 0.58 -7.38
N ARG A 102 -6.88 -0.44 -7.90
CA ARG A 102 -7.79 -0.21 -9.05
C ARG A 102 -8.94 0.72 -8.61
N ALA A 103 -9.46 0.50 -7.40
CA ALA A 103 -10.51 1.35 -6.93
C ALA A 103 -10.11 2.81 -6.84
N SER A 104 -8.81 3.06 -6.52
CA SER A 104 -8.29 4.41 -6.36
C SER A 104 -8.41 5.20 -7.63
N GLY A 105 -8.22 4.52 -8.78
CA GLY A 105 -8.32 5.17 -10.10
C GLY A 105 -7.08 6.05 -10.30
N LYS A 106 -6.01 5.82 -9.55
CA LYS A 106 -4.76 6.59 -9.76
C LYS A 106 -3.64 5.69 -10.20
N PRO A 107 -3.64 5.25 -11.47
CA PRO A 107 -2.62 4.26 -11.89
C PRO A 107 -1.30 5.01 -12.11
N GLU A 108 -0.22 4.27 -11.96
CA GLU A 108 1.10 4.81 -12.19
C GLU A 108 1.59 4.17 -13.46
N SER A 109 2.60 4.75 -14.10
CA SER A 109 3.05 4.27 -15.40
C SER A 109 4.45 4.69 -15.70
N THR A 110 4.86 5.77 -15.06
CA THR A 110 6.13 6.43 -15.41
C THR A 110 6.87 6.99 -14.25
N GLY A 111 8.07 6.50 -14.04
CA GLY A 111 8.98 7.09 -13.04
C GLY A 111 9.97 6.09 -12.50
N ALA A 112 10.77 6.55 -11.54
CA ALA A 112 11.74 5.72 -10.81
C ALA A 112 11.07 4.67 -9.96
N VAL A 113 11.48 3.41 -10.10
CA VAL A 113 10.98 2.35 -9.27
C VAL A 113 12.01 1.89 -8.25
N ALA A 114 13.31 2.12 -8.51
CA ALA A 114 14.33 1.55 -7.63
C ALA A 114 15.67 2.21 -7.97
N LYS A 115 16.53 2.29 -6.95
CA LYS A 115 17.90 2.89 -7.07
C LYS A 115 18.88 1.91 -6.44
N VAL A 116 19.81 1.43 -7.26
CA VAL A 116 20.73 0.41 -6.76
C VAL A 116 22.10 1.15 -6.85
N THR A 117 22.77 1.26 -5.73
CA THR A 117 24.09 1.89 -5.66
C THR A 117 25.14 0.78 -5.51
N PHE A 118 26.30 0.95 -6.18
CA PHE A 118 27.36 -0.02 -6.16
C PHE A 118 28.60 0.74 -5.72
N LYS A 119 29.41 0.14 -4.87
CA LYS A 119 30.71 0.76 -4.50
C LYS A 119 31.77 0.05 -5.35
N VAL A 120 32.72 0.81 -5.91
CA VAL A 120 33.78 0.21 -6.69
C VAL A 120 34.83 -0.39 -5.75
N ILE A 121 35.13 -1.67 -5.91
CA ILE A 121 36.17 -2.33 -5.06
C ILE A 121 37.47 -2.66 -5.77
N LYS A 122 37.52 -2.45 -7.08
CA LYS A 122 38.73 -2.82 -7.84
C LYS A 122 38.79 -1.97 -9.11
N GLU A 123 39.99 -1.49 -9.50
CA GLU A 123 40.03 -0.51 -10.52
C GLU A 123 39.47 -1.10 -11.79
N ILE A 124 38.62 -0.31 -12.45
CA ILE A 124 37.88 -0.77 -13.58
C ILE A 124 38.84 -0.95 -14.79
N PRO A 125 38.63 -1.99 -15.61
CA PRO A 125 39.51 -2.10 -16.78
C PRO A 125 39.35 -0.94 -17.77
N ALA A 126 40.41 -0.62 -18.47
CA ALA A 126 40.43 0.51 -19.38
C ALA A 126 39.14 0.64 -20.26
N GLU A 127 38.69 -0.47 -20.84
CA GLU A 127 37.64 -0.44 -21.85
C GLU A 127 36.29 -0.34 -21.19
N GLY A 128 36.33 -0.27 -19.86
CA GLY A 128 35.14 -0.21 -19.03
C GLY A 128 34.45 -1.54 -18.84
N ILE A 129 33.47 -1.57 -17.92
CA ILE A 129 32.58 -2.69 -17.77
C ILE A 129 31.13 -2.21 -17.82
N LYS A 130 30.23 -3.07 -18.28
CA LYS A 130 28.79 -2.79 -18.12
C LYS A 130 28.53 -2.67 -16.63
N LEU A 131 27.81 -1.63 -16.22
CA LEU A 131 27.57 -1.44 -14.81
C LEU A 131 26.80 -2.64 -14.29
N ALA A 132 25.83 -3.07 -15.07
CA ALA A 132 25.05 -4.25 -14.69
C ALA A 132 24.21 -4.66 -15.87
N THR A 133 23.62 -5.85 -15.80
CA THR A 133 22.88 -6.34 -16.92
C THR A 133 21.61 -7.02 -16.41
N PHE A 134 20.48 -6.68 -17.01
CA PHE A 134 19.22 -7.33 -16.59
C PHE A 134 19.18 -8.65 -17.33
N GLU A 135 19.26 -9.73 -16.58
CA GLU A 135 19.28 -11.10 -17.20
C GLU A 135 18.60 -12.10 -16.28
N ASN A 136 17.94 -13.11 -16.86
CA ASN A 136 17.21 -14.05 -16.04
C ASN A 136 18.12 -14.79 -15.05
N GLY A 137 17.76 -14.78 -13.77
CA GLY A 137 18.38 -15.74 -12.83
C GLY A 137 17.54 -17.03 -12.85
N SER A 138 17.87 -17.97 -11.96
CA SER A 138 17.30 -19.32 -12.05
C SER A 138 15.82 -19.32 -11.76
N SER A 139 15.33 -18.30 -11.08
CA SER A 139 13.91 -18.24 -10.78
C SER A 139 13.03 -17.47 -11.74
N MET A 140 13.62 -17.02 -12.85
CA MET A 140 12.92 -16.33 -13.90
C MET A 140 12.86 -17.20 -15.14
N ASN A 141 11.87 -18.10 -15.17
CA ASN A 141 11.75 -19.10 -16.22
C ASN A 141 11.14 -18.59 -17.54
N ASN A 142 10.12 -17.74 -17.47
CA ASN A 142 9.45 -17.23 -18.67
C ASN A 142 9.61 -15.72 -18.82
N ALA A 143 10.83 -15.23 -18.61
CA ALA A 143 11.02 -13.80 -18.70
C ALA A 143 12.06 -13.56 -19.76
N VAL A 144 12.03 -12.35 -20.28
CA VAL A 144 13.03 -11.87 -21.16
C VAL A 144 13.86 -10.85 -20.44
N ASP A 145 15.18 -10.89 -20.56
CA ASP A 145 16.03 -9.81 -19.98
C ASP A 145 15.85 -9.57 -18.48
N GLY A 146 15.59 -10.60 -17.69
CA GLY A 146 15.63 -10.46 -16.25
C GLY A 146 14.59 -9.54 -15.71
N THR A 147 13.47 -9.43 -16.41
CA THR A 147 12.47 -8.41 -16.06
C THR A 147 11.07 -8.98 -16.16
N MET A 148 10.25 -8.72 -15.14
CA MET A 148 8.79 -9.04 -15.17
C MET A 148 8.02 -7.76 -14.65
N LEU A 149 7.06 -7.31 -15.42
CA LEU A 149 6.26 -6.15 -15.09
C LEU A 149 4.78 -6.57 -15.12
N PHE A 150 4.03 -5.96 -14.23
CA PHE A 150 2.62 -6.35 -13.97
C PHE A 150 1.72 -5.11 -13.97
N ASP A 151 0.41 -5.32 -14.24
CA ASP A 151 -0.56 -4.25 -14.26
C ASP A 151 -1.45 -4.41 -13.06
N TRP A 152 -2.40 -3.49 -12.86
CA TRP A 152 -3.17 -3.54 -11.65
C TRP A 152 -4.29 -4.60 -11.64
N ASP A 153 -4.37 -5.38 -12.68
CA ASP A 153 -5.29 -6.58 -12.62
C ASP A 153 -4.56 -7.80 -12.14
N GLY A 154 -3.26 -7.65 -11.95
CA GLY A 154 -2.44 -8.74 -11.56
C GLY A 154 -1.82 -9.50 -12.70
N ASN A 155 -2.00 -9.02 -13.93
CA ASN A 155 -1.49 -9.72 -15.15
C ASN A 155 -0.10 -9.23 -15.47
N MET A 156 0.72 -10.16 -15.96
CA MET A 156 2.06 -9.81 -16.39
C MET A 156 2.04 -9.22 -17.83
N TYR A 157 2.81 -8.17 -18.05
CA TYR A 157 2.98 -7.59 -19.38
C TYR A 157 3.78 -8.58 -20.19
N SER A 158 3.37 -8.78 -21.45
CA SER A 158 4.15 -9.64 -22.33
C SER A 158 5.55 -9.03 -22.30
N SER A 159 6.60 -9.87 -22.24
CA SER A 159 8.01 -9.40 -22.47
C SER A 159 8.14 -8.57 -23.74
N SER A 160 7.28 -8.80 -24.73
CA SER A 160 7.38 -8.09 -26.00
C SER A 160 6.59 -6.75 -25.95
N ALA A 161 5.90 -6.45 -24.85
CA ALA A 161 5.13 -5.21 -24.76
C ALA A 161 5.96 -3.98 -24.38
N TYR A 162 7.21 -4.23 -24.00
CA TYR A 162 8.11 -3.14 -23.57
C TYR A 162 9.54 -3.49 -23.92
N LYS A 163 10.42 -2.50 -23.86
CA LYS A 163 11.80 -2.76 -24.11
C LYS A 163 12.58 -2.55 -22.82
N VAL A 164 13.57 -3.41 -22.60
CA VAL A 164 14.52 -3.19 -21.46
C VAL A 164 15.78 -2.59 -22.06
N VAL A 165 16.13 -1.38 -21.61
CA VAL A 165 17.35 -0.72 -22.09
C VAL A 165 18.42 -1.03 -21.11
N GLN A 166 19.36 -1.85 -21.52
CA GLN A 166 20.43 -2.35 -20.63
C GLN A 166 21.34 -1.20 -20.26
N PRO A 167 21.82 -1.19 -19.02
CA PRO A 167 22.77 -0.18 -18.52
C PRO A 167 23.96 -0.12 -19.48
N GLY A 168 24.59 1.04 -19.55
CA GLY A 168 25.86 1.16 -20.29
C GLY A 168 27.06 0.89 -19.39
N LEU A 169 28.19 1.47 -19.85
CA LEU A 169 29.48 1.25 -19.24
C LEU A 169 29.83 2.23 -18.19
N ILE A 170 30.67 1.78 -17.25
CA ILE A 170 31.44 2.69 -16.39
C ILE A 170 32.90 2.51 -16.72
N TYR A 171 33.68 3.56 -16.42
CA TYR A 171 35.10 3.59 -16.79
C TYR A 171 35.94 3.99 -15.58
N PRO A 172 37.21 3.56 -15.53
CA PRO A 172 38.11 4.05 -14.45
C PRO A 172 38.36 5.54 -14.59
N LYS A 173 38.50 6.18 -13.47
CA LYS A 173 38.83 7.59 -13.43
C LYS A 173 40.32 7.64 -13.52
N LEU A 174 40.83 8.26 -14.59
CA LEU A 174 42.25 8.54 -14.77
C LEU A 174 42.55 9.98 -14.23
N GLU A 175 42.02 10.29 -13.04
CA GLU A 175 41.92 11.68 -12.54
C GLU A 175 42.99 12.09 -11.52
N MET B 1 1.43 -30.37 -11.62
CA MET B 1 2.72 -31.18 -11.61
C MET B 1 3.01 -31.81 -10.23
N PHE B 2 3.81 -32.87 -10.25
CA PHE B 2 4.27 -33.59 -9.03
C PHE B 2 4.90 -32.70 -7.96
N VAL B 3 5.88 -31.87 -8.34
CA VAL B 3 6.52 -31.04 -7.35
C VAL B 3 5.71 -29.73 -7.20
N LYS B 4 5.24 -29.52 -6.00
CA LYS B 4 4.47 -28.33 -5.66
C LYS B 4 5.20 -27.66 -4.51
N LEU B 5 6.20 -26.85 -4.86
CA LEU B 5 6.97 -26.15 -3.81
C LEU B 5 6.01 -25.18 -3.10
N LYS B 6 6.24 -25.00 -1.79
CA LYS B 6 5.46 -24.05 -0.98
C LYS B 6 5.64 -22.64 -1.57
N GLY B 7 4.52 -22.08 -2.04
CA GLY B 7 4.50 -20.73 -2.59
C GLY B 7 4.46 -20.65 -4.09
N ASP B 8 4.62 -21.79 -4.77
CA ASP B 8 4.49 -21.88 -6.24
C ASP B 8 3.03 -21.88 -6.70
N LEU B 9 2.40 -20.72 -6.63
CA LEU B 9 0.96 -20.65 -6.85
C LEU B 9 0.52 -20.95 -8.28
N ASN B 10 1.37 -20.70 -9.28
CA ASN B 10 1.00 -21.01 -10.68
C ASN B 10 1.62 -22.31 -11.17
N GLY B 11 2.21 -23.11 -10.29
CA GLY B 11 2.69 -24.44 -10.71
C GLY B 11 3.72 -24.46 -11.82
N ASP B 12 4.62 -23.48 -11.87
CA ASP B 12 5.73 -23.53 -12.86
C ASP B 12 7.14 -23.96 -12.33
N GLY B 13 7.24 -24.44 -11.09
CA GLY B 13 8.54 -24.91 -10.58
C GLY B 13 9.49 -23.84 -9.98
N VAL B 14 9.09 -22.56 -9.98
CA VAL B 14 9.91 -21.45 -9.43
C VAL B 14 9.01 -20.54 -8.51
N ILE B 15 9.62 -19.81 -7.59
CA ILE B 15 8.87 -18.89 -6.75
C ILE B 15 9.36 -17.47 -7.13
N ASN B 16 8.45 -16.72 -7.78
CA ASN B 16 8.79 -15.37 -8.24
C ASN B 16 7.59 -14.42 -8.15
N MET B 17 7.76 -13.20 -8.61
CA MET B 17 6.70 -12.19 -8.49
C MET B 17 5.37 -12.69 -9.11
N ALA B 18 5.42 -13.66 -10.02
CA ALA B 18 4.17 -14.12 -10.67
C ALA B 18 3.32 -14.82 -9.61
N ASP B 19 3.97 -15.55 -8.71
CA ASP B 19 3.26 -16.17 -7.60
C ASP B 19 2.69 -15.15 -6.62
N VAL B 20 3.50 -14.16 -6.29
CA VAL B 20 3.06 -13.05 -5.41
C VAL B 20 1.82 -12.28 -5.97
N MET B 21 1.79 -12.06 -7.27
CA MET B 21 0.67 -11.41 -7.93
C MET B 21 -0.62 -12.24 -7.82
N ILE B 22 -0.55 -13.56 -7.77
CA ILE B 22 -1.81 -14.35 -7.55
C ILE B 22 -2.27 -14.12 -6.10
N LEU B 23 -1.30 -14.07 -5.18
CA LEU B 23 -1.61 -13.74 -3.83
C LEU B 23 -2.31 -12.35 -3.82
N ALA B 24 -1.69 -11.38 -4.48
CA ALA B 24 -2.19 -10.02 -4.54
C ALA B 24 -3.60 -10.00 -5.12
N GLN B 25 -3.89 -10.88 -6.09
CA GLN B 25 -5.23 -10.87 -6.71
C GLN B 25 -6.33 -11.18 -5.72
N SER B 26 -6.02 -11.85 -4.61
CA SER B 26 -7.01 -12.17 -3.54
C SER B 26 -6.71 -11.55 -2.15
N PHE B 27 -5.82 -10.56 -2.13
CA PHE B 27 -5.33 -9.95 -0.93
C PHE B 27 -6.40 -9.36 -0.02
N GLY B 28 -6.47 -9.83 1.21
CA GLY B 28 -7.52 -9.40 2.11
C GLY B 28 -8.77 -10.25 2.07
N LYS B 29 -8.87 -11.14 1.10
CA LYS B 29 -10.09 -11.92 0.94
C LYS B 29 -10.11 -13.12 1.84
N ALA B 30 -11.29 -13.44 2.38
CA ALA B 30 -11.49 -14.68 3.12
C ALA B 30 -11.53 -15.91 2.19
N ILE B 31 -11.38 -17.10 2.76
CA ILE B 31 -11.77 -18.40 2.12
C ILE B 31 -11.04 -18.68 0.81
N GLU B 38 -7.82 -20.44 -2.70
CA GLU B 38 -7.54 -21.38 -1.60
C GLU B 38 -6.07 -21.81 -1.56
N LYS B 39 -5.44 -21.99 -2.73
CA LYS B 39 -3.98 -22.23 -2.84
C LYS B 39 -3.19 -21.13 -2.16
N ALA B 40 -3.67 -19.90 -2.31
CA ALA B 40 -2.93 -18.71 -1.90
C ALA B 40 -2.95 -18.57 -0.36
N ASP B 41 -3.85 -19.31 0.30
CA ASP B 41 -3.88 -19.34 1.75
C ASP B 41 -2.77 -20.21 2.27
N LEU B 42 -1.58 -19.67 2.22
CA LEU B 42 -0.37 -20.43 2.42
C LEU B 42 -0.15 -20.92 3.87
N ASN B 43 -0.74 -20.27 4.84
CA ASN B 43 -0.69 -20.76 6.23
C ASN B 43 -2.00 -21.36 6.65
N ASN B 44 -2.94 -21.41 5.73
CA ASN B 44 -4.16 -22.11 6.00
C ASN B 44 -5.02 -21.56 7.12
N ASP B 45 -4.94 -20.25 7.37
CA ASP B 45 -5.73 -19.65 8.45
C ASP B 45 -7.05 -19.03 7.98
N GLY B 46 -7.54 -19.43 6.80
CA GLY B 46 -8.85 -18.98 6.28
C GLY B 46 -8.82 -17.64 5.55
N VAL B 47 -7.68 -16.94 5.59
CA VAL B 47 -7.56 -15.59 5.03
C VAL B 47 -6.27 -15.37 4.22
N ILE B 48 -6.37 -14.54 3.18
CA ILE B 48 -5.19 -14.17 2.33
C ILE B 48 -4.70 -12.80 2.80
N ASN B 49 -3.55 -12.74 3.45
CA ASN B 49 -2.98 -11.43 3.77
C ASN B 49 -1.44 -11.43 3.80
N SER B 50 -0.83 -10.46 4.47
CA SER B 50 0.63 -10.38 4.45
C SER B 50 1.29 -11.61 5.05
N ASP B 51 0.63 -12.35 5.95
CA ASP B 51 1.28 -13.55 6.50
C ASP B 51 1.63 -14.48 5.33
N ASP B 52 0.69 -14.61 4.41
CA ASP B 52 0.90 -15.47 3.21
C ASP B 52 2.04 -14.92 2.33
N ALA B 53 2.09 -13.60 2.16
CA ALA B 53 3.23 -12.94 1.51
C ALA B 53 4.58 -13.18 2.23
N ILE B 54 4.54 -13.25 3.55
CA ILE B 54 5.76 -13.42 4.31
C ILE B 54 6.27 -14.86 4.06
N ILE B 55 5.35 -15.80 4.05
CA ILE B 55 5.67 -17.19 3.83
C ILE B 55 6.28 -17.30 2.45
N LEU B 56 5.55 -16.79 1.44
CA LEU B 56 6.06 -16.67 0.09
C LEU B 56 7.45 -15.99 0.02
N ALA B 57 7.65 -14.87 0.71
CA ALA B 57 8.97 -14.18 0.71
C ALA B 57 10.16 -15.04 1.21
N GLN B 58 9.90 -15.93 2.17
CA GLN B 58 10.90 -16.90 2.60
C GLN B 58 11.38 -17.83 1.48
N TYR B 59 10.50 -18.21 0.55
CA TYR B 59 10.86 -19.15 -0.57
C TYR B 59 11.19 -18.41 -1.85
N PHE B 60 11.17 -17.08 -1.80
CA PHE B 60 11.42 -16.23 -2.97
C PHE B 60 12.75 -16.55 -3.60
N GLY B 61 12.74 -16.87 -4.89
CA GLY B 61 13.94 -17.31 -5.61
C GLY B 61 14.10 -18.81 -5.82
N LYS B 62 13.37 -19.62 -5.03
CA LYS B 62 13.51 -21.10 -5.07
C LYS B 62 13.02 -21.69 -6.39
N THR B 63 13.70 -22.74 -6.86
CA THR B 63 13.34 -23.41 -8.12
C THR B 63 13.53 -24.92 -7.98
N LYS B 64 12.59 -25.71 -8.49
CA LYS B 64 12.67 -27.17 -8.39
C LYS B 64 13.72 -27.71 -9.34
N SER B 65 14.03 -26.93 -10.38
CA SER B 65 14.85 -27.38 -11.52
C SER B 65 15.01 -28.95 -11.63
N ALA B 66 13.88 -29.65 -11.78
CA ALA B 66 13.87 -31.13 -11.93
C ALA B 66 12.60 -31.66 -12.64
N SER C 3 -33.80 8.65 11.04
CA SER C 3 -34.03 7.76 9.86
C SER C 3 -32.81 6.88 9.52
N GLY C 4 -31.65 7.50 9.34
CA GLY C 4 -30.45 6.73 9.07
C GLY C 4 -29.68 6.42 10.35
N SER C 5 -28.69 5.52 10.27
CA SER C 5 -27.86 5.21 11.42
C SER C 5 -26.42 4.94 11.01
N VAL C 6 -25.50 5.22 11.95
CA VAL C 6 -24.23 4.58 11.94
C VAL C 6 -24.29 3.52 13.03
N LEU C 7 -23.94 2.29 12.70
CA LEU C 7 -23.92 1.33 13.76
C LEU C 7 -22.79 0.32 13.65
N THR C 8 -22.55 -0.38 14.74
CA THR C 8 -21.47 -1.30 14.76
C THR C 8 -21.84 -2.64 15.37
N ALA C 9 -20.93 -3.57 15.15
CA ALA C 9 -21.09 -4.95 15.62
C ALA C 9 -19.72 -5.62 15.80
N ILE C 10 -19.65 -6.45 16.81
CA ILE C 10 -18.48 -7.31 17.03
C ILE C 10 -18.83 -8.79 16.95
N ASP C 11 -17.78 -9.55 16.62
CA ASP C 11 -17.86 -10.98 16.41
C ASP C 11 -17.88 -11.75 17.75
N ASN C 12 -17.21 -11.21 18.77
CA ASN C 12 -17.29 -11.77 20.11
C ASN C 12 -17.11 -10.72 21.22
N ASP C 13 -17.90 -10.74 22.30
CA ASP C 13 -17.69 -9.79 23.41
C ASP C 13 -16.95 -10.30 24.64
N LYS C 14 -16.51 -11.54 24.59
CA LYS C 14 -15.71 -12.17 25.67
C LYS C 14 -14.35 -12.46 25.09
N VAL C 15 -13.32 -11.74 25.53
CA VAL C 15 -12.01 -11.86 24.89
C VAL C 15 -10.88 -12.04 25.91
N ALA C 16 -9.92 -12.89 25.55
CA ALA C 16 -8.75 -13.13 26.39
C ALA C 16 -7.62 -12.24 25.85
N VAL C 17 -6.68 -11.88 26.69
CA VAL C 17 -5.47 -11.19 26.24
C VAL C 17 -4.86 -11.94 25.07
N GLY C 18 -4.39 -11.18 24.10
CA GLY C 18 -3.87 -11.81 22.89
C GLY C 18 -4.91 -11.96 21.81
N ASP C 19 -6.18 -12.05 22.19
CA ASP C 19 -7.27 -12.21 21.20
C ASP C 19 -7.52 -10.90 20.45
N LYS C 20 -8.15 -11.03 19.28
CA LYS C 20 -8.51 -9.91 18.43
C LYS C 20 -10.04 -9.82 18.37
N VAL C 21 -10.57 -8.60 18.52
CA VAL C 21 -12.00 -8.38 18.33
C VAL C 21 -12.21 -7.38 17.16
N THR C 22 -13.04 -7.79 16.19
CA THR C 22 -13.27 -6.90 15.04
C THR C 22 -14.55 -6.16 15.16
N LEU C 23 -14.41 -4.85 15.08
CA LEU C 23 -15.53 -3.91 15.07
C LEU C 23 -15.95 -3.65 13.62
N THR C 24 -17.10 -4.19 13.18
CA THR C 24 -17.60 -3.80 11.89
C THR C 24 -18.47 -2.55 12.08
N ILE C 25 -18.27 -1.56 11.22
CA ILE C 25 -19.01 -0.27 11.24
C ILE C 25 -19.83 -0.19 9.98
N ASN C 26 -21.16 -0.06 10.16
CA ASN C 26 -22.07 0.06 9.04
C ASN C 26 -22.73 1.40 8.96
N VAL C 27 -23.13 1.77 7.75
CA VAL C 27 -24.10 2.82 7.60
C VAL C 27 -25.42 2.14 7.31
N ASP C 28 -26.50 2.77 7.72
CA ASP C 28 -27.82 2.17 7.43
C ASP C 28 -28.76 3.26 6.94
N LYS C 29 -29.25 3.11 5.69
CA LYS C 29 -30.17 4.06 5.03
C LYS C 29 -29.64 5.47 5.00
N ILE C 30 -28.34 5.61 4.65
CA ILE C 30 -27.77 6.92 4.38
C ILE C 30 -27.87 7.14 2.87
N THR C 31 -28.87 7.92 2.49
CA THR C 31 -29.22 8.05 1.06
C THR C 31 -28.09 8.56 0.18
N ASN C 32 -27.79 7.81 -0.88
CA ASN C 32 -26.76 8.22 -1.82
C ASN C 32 -25.43 8.51 -1.12
N PHE C 33 -25.07 7.62 -0.18
CA PHE C 33 -23.81 7.68 0.56
C PHE C 33 -22.61 7.71 -0.35
N SER C 34 -21.70 8.67 -0.13
CA SER C 34 -20.52 8.76 -0.96
C SER C 34 -19.23 8.67 -0.14
N GLY C 35 -19.33 8.77 1.19
CA GLY C 35 -18.12 8.89 2.00
C GLY C 35 -18.31 9.21 3.46
N TYR C 36 -17.31 8.91 4.26
CA TYR C 36 -17.47 9.11 5.74
C TYR C 36 -16.12 9.49 6.32
N GLN C 37 -16.12 10.07 7.51
CA GLN C 37 -14.87 10.13 8.28
C GLN C 37 -15.32 9.86 9.71
N PHE C 38 -14.50 9.10 10.43
CA PHE C 38 -14.75 8.81 11.84
C PHE C 38 -13.56 9.29 12.67
N ASN C 39 -13.85 9.74 13.91
CA ASN C 39 -12.92 9.77 14.98
C ASN C 39 -13.38 8.80 16.06
N ILE C 40 -12.50 7.83 16.41
CA ILE C 40 -12.81 6.74 17.28
C ILE C 40 -11.77 6.65 18.41
N LYS C 41 -12.22 6.90 19.63
CA LYS C 41 -11.39 6.85 20.80
C LYS C 41 -11.43 5.42 21.35
N TYR C 42 -10.27 4.84 21.62
CA TYR C 42 -10.17 3.56 22.33
C TYR C 42 -9.19 3.68 23.53
N ASN C 43 -9.29 2.72 24.43
CA ASN C 43 -8.53 2.67 25.66
C ASN C 43 -7.16 1.98 25.46
N THR C 44 -6.07 2.77 25.51
CA THR C 44 -4.78 2.29 25.10
C THR C 44 -4.14 1.38 26.15
N THR C 45 -4.62 1.45 27.38
CA THR C 45 -4.19 0.49 28.41
C THR C 45 -4.62 -0.97 28.06
N TYR C 46 -5.84 -1.13 27.56
CA TYR C 46 -6.36 -2.49 27.31
C TYR C 46 -6.31 -2.96 25.87
N LEU C 47 -6.39 -2.03 24.94
CA LEU C 47 -6.54 -2.39 23.51
C LEU C 47 -5.46 -1.79 22.64
N GLN C 48 -5.14 -2.47 21.54
CA GLN C 48 -4.25 -1.94 20.55
C GLN C 48 -4.86 -2.22 19.17
N PRO C 49 -5.00 -1.20 18.31
CA PRO C 49 -5.56 -1.43 16.99
C PRO C 49 -4.61 -2.32 16.21
N TRP C 50 -5.19 -3.29 15.51
CA TRP C 50 -4.40 -4.28 14.82
C TRP C 50 -4.69 -4.27 13.36
N ASP C 51 -3.64 -4.14 12.52
CA ASP C 51 -3.84 -4.13 11.11
C ASP C 51 -3.92 -5.61 10.65
N THR C 52 -5.13 -6.13 10.39
CA THR C 52 -5.32 -7.53 10.11
C THR C 52 -4.89 -7.88 8.68
N ILE C 53 -4.71 -6.87 7.84
CA ILE C 53 -4.30 -7.06 6.48
C ILE C 53 -2.79 -7.21 6.42
N ALA C 54 -2.08 -6.29 7.06
CA ALA C 54 -0.64 -6.43 7.13
C ALA C 54 -0.20 -7.35 8.33
N ASP C 55 -1.15 -7.78 9.17
CA ASP C 55 -0.80 -8.50 10.42
C ASP C 55 0.34 -7.86 11.31
N GLU C 56 0.16 -6.61 11.67
CA GLU C 56 1.12 -5.86 12.47
C GLU C 56 0.35 -4.75 13.15
N ALA C 57 1.02 -4.01 14.04
CA ALA C 57 0.42 -2.85 14.71
C ALA C 57 0.11 -1.75 13.72
N TYR C 58 -0.85 -0.88 14.05
CA TYR C 58 -1.11 0.31 13.26
C TYR C 58 0.10 1.23 13.32
N THR C 59 0.36 1.95 12.23
CA THR C 59 1.13 3.17 12.28
C THR C 59 0.06 4.31 12.22
N ASP C 60 0.52 5.56 12.28
CA ASP C 60 -0.41 6.68 12.15
C ASP C 60 -1.10 6.82 10.78
N SER C 61 -0.70 6.05 9.78
CA SER C 61 -1.32 6.17 8.50
C SER C 61 -2.15 4.91 8.15
N THR C 62 -2.28 3.97 9.06
CA THR C 62 -2.91 2.71 8.72
C THR C 62 -4.39 2.87 8.44
N MET C 63 -4.83 2.28 7.32
CA MET C 63 -6.25 2.18 6.99
C MET C 63 -6.88 0.88 7.47
N PRO C 64 -7.98 0.96 8.23
CA PRO C 64 -8.71 -0.24 8.61
C PRO C 64 -9.08 -1.10 7.39
N ASP C 65 -9.52 -2.29 7.68
CA ASP C 65 -10.05 -3.18 6.63
C ASP C 65 -11.30 -2.54 6.01
N TYR C 66 -11.55 -2.82 4.73
CA TYR C 66 -12.79 -2.37 4.03
C TYR C 66 -14.02 -3.20 4.37
N GLY C 67 -15.21 -2.62 4.21
CA GLY C 67 -16.45 -3.42 4.18
C GLY C 67 -16.90 -3.56 2.73
N THR C 68 -18.21 -3.57 2.50
CA THR C 68 -18.68 -3.74 1.14
C THR C 68 -18.93 -2.45 0.39
N LEU C 69 -19.20 -1.35 1.11
CA LEU C 69 -19.44 -0.04 0.48
C LEU C 69 -18.12 0.58 0.08
N LEU C 70 -18.22 1.54 -0.85
CA LEU C 70 -17.07 2.37 -1.31
C LEU C 70 -16.01 1.49 -1.96
N GLN C 71 -16.51 0.44 -2.57
CA GLN C 71 -15.62 -0.47 -3.29
C GLN C 71 -15.64 -0.26 -4.82
N GLY C 72 -16.52 0.61 -5.30
CA GLY C 72 -16.67 0.83 -6.74
C GLY C 72 -15.56 1.67 -7.32
N ARG C 73 -15.39 1.57 -8.64
CA ARG C 73 -14.30 2.30 -9.31
C ARG C 73 -14.66 3.78 -9.54
N PHE C 74 -14.97 4.54 -8.49
CA PHE C 74 -15.29 5.95 -8.65
C PHE C 74 -14.17 6.76 -7.96
N ASN C 75 -12.93 6.41 -8.27
CA ASN C 75 -11.72 6.93 -7.58
C ASN C 75 -11.89 6.87 -6.04
N ALA C 76 -12.08 5.66 -5.55
CA ALA C 76 -12.36 5.42 -4.09
C ALA C 76 -11.07 5.65 -3.34
N THR C 77 -11.05 6.65 -2.44
CA THR C 77 -9.77 7.11 -1.87
C THR C 77 -9.82 7.12 -0.33
N ASP C 78 -8.69 6.73 0.30
CA ASP C 78 -8.60 6.68 1.79
C ASP C 78 -7.93 7.87 2.36
N MET C 79 -8.28 8.19 3.61
CA MET C 79 -7.59 9.23 4.39
C MET C 79 -7.38 8.64 5.80
N SER C 80 -6.18 8.79 6.35
CA SER C 80 -6.00 8.39 7.77
C SER C 80 -4.86 9.11 8.42
N LYS C 81 -5.11 9.57 9.63
CA LYS C 81 -4.00 10.15 10.43
C LYS C 81 -4.38 9.97 11.84
N HIS C 82 -3.93 8.88 12.44
CA HIS C 82 -4.24 8.61 13.86
C HIS C 82 -3.38 9.33 14.85
N ASN C 83 -3.86 9.31 16.10
CA ASN C 83 -3.07 9.63 17.25
C ASN C 83 -3.06 8.43 18.16
N LEU C 84 -2.15 7.52 17.86
CA LEU C 84 -2.06 6.24 18.56
C LEU C 84 -1.63 6.34 20.01
N SER C 85 -0.73 7.26 20.33
CA SER C 85 -0.36 7.40 21.71
C SER C 85 -1.55 7.81 22.61
N GLN C 86 -2.51 8.55 22.04
CA GLN C 86 -3.72 9.00 22.74
C GLN C 86 -4.99 8.16 22.52
N GLY C 87 -4.90 7.10 21.74
CA GLY C 87 -6.07 6.24 21.51
C GLY C 87 -7.12 6.80 20.56
N VAL C 88 -6.69 7.54 19.53
CA VAL C 88 -7.72 8.12 18.66
C VAL C 88 -7.42 7.71 17.22
N LEU C 89 -8.38 7.01 16.62
CA LEU C 89 -8.28 6.65 15.23
C LEU C 89 -8.93 7.74 14.44
N ASN C 90 -8.30 8.16 13.35
CA ASN C 90 -8.92 9.17 12.49
C ASN C 90 -8.78 8.80 11.02
N PHE C 91 -9.97 8.37 10.41
CA PHE C 91 -9.84 7.84 9.06
C PHE C 91 -11.09 8.03 8.23
N GLY C 92 -11.04 7.95 6.99
CA GLY C 92 -12.24 7.99 6.20
C GLY C 92 -11.95 7.53 4.79
N ARG C 93 -13.03 7.35 4.04
CA ARG C 93 -12.96 6.95 2.63
C ARG C 93 -14.08 7.62 1.88
N LEU C 94 -13.85 7.92 0.61
CA LEU C 94 -14.84 8.54 -0.18
C LEU C 94 -14.72 8.17 -1.67
N TYR C 95 -15.84 8.22 -2.38
CA TYR C 95 -15.73 8.18 -3.90
C TYR C 95 -15.35 9.58 -4.30
N MET C 96 -14.13 9.76 -4.79
CA MET C 96 -13.70 11.07 -5.18
C MET C 96 -14.37 11.51 -6.47
N ASN C 97 -14.63 10.58 -7.40
CA ASN C 97 -15.28 10.95 -8.64
C ASN C 97 -16.81 10.96 -8.43
N LEU C 98 -17.30 11.99 -7.73
CA LEU C 98 -18.70 12.12 -7.39
C LEU C 98 -19.60 12.15 -8.59
N SER C 99 -19.23 12.91 -9.64
CA SER C 99 -20.09 13.01 -10.80
C SER C 99 -20.29 11.64 -11.47
N ALA C 100 -19.23 10.86 -11.54
CA ALA C 100 -19.38 9.52 -12.10
C ALA C 100 -20.19 8.59 -11.19
N TYR C 101 -19.98 8.70 -9.88
CA TYR C 101 -20.76 7.86 -8.97
C TYR C 101 -22.24 8.22 -9.11
N ARG C 102 -22.52 9.53 -9.01
CA ARG C 102 -23.89 10.04 -9.17
C ARG C 102 -24.52 9.53 -10.44
N ALA C 103 -23.73 9.53 -11.51
CA ALA C 103 -24.24 9.15 -12.82
C ALA C 103 -24.53 7.67 -12.97
N SER C 104 -23.95 6.87 -12.05
CA SER C 104 -24.04 5.42 -12.15
C SER C 104 -25.49 5.01 -11.96
N GLY C 105 -26.24 5.85 -11.28
CA GLY C 105 -27.60 5.49 -10.90
C GLY C 105 -27.67 4.29 -9.92
N LYS C 106 -26.52 3.95 -9.30
CA LYS C 106 -26.43 2.83 -8.36
C LYS C 106 -25.91 3.36 -7.00
N PRO C 107 -26.78 4.02 -6.24
CA PRO C 107 -26.40 4.57 -4.97
C PRO C 107 -26.18 3.49 -3.91
N GLU C 108 -25.25 3.74 -2.99
CA GLU C 108 -25.12 2.85 -1.85
C GLU C 108 -25.72 3.58 -0.69
N SER C 109 -26.22 2.86 0.34
CA SER C 109 -26.85 3.55 1.46
C SER C 109 -26.75 2.67 2.69
N THR C 110 -26.53 1.34 2.49
CA THR C 110 -26.60 0.44 3.59
C THR C 110 -25.56 -0.60 3.44
N GLY C 111 -24.73 -0.72 4.48
CA GLY C 111 -23.70 -1.80 4.50
C GLY C 111 -22.51 -1.44 5.32
N ALA C 112 -21.53 -2.36 5.36
CA ALA C 112 -20.32 -2.14 6.12
C ALA C 112 -19.41 -1.21 5.40
N VAL C 113 -18.80 -0.26 6.14
CA VAL C 113 -17.91 0.69 5.47
C VAL C 113 -16.47 0.46 5.91
N ALA C 114 -16.30 -0.24 7.02
CA ALA C 114 -14.96 -0.42 7.56
C ALA C 114 -15.06 -1.41 8.69
N LYS C 115 -13.91 -2.03 8.98
CA LYS C 115 -13.78 -3.06 9.97
C LYS C 115 -12.51 -2.75 10.74
N VAL C 116 -12.63 -2.50 12.04
CA VAL C 116 -11.51 -2.05 12.82
C VAL C 116 -11.30 -3.11 13.85
N THR C 117 -10.13 -3.76 13.75
CA THR C 117 -9.76 -4.81 14.71
C THR C 117 -8.89 -4.26 15.84
N PHE C 118 -9.24 -4.65 17.06
CA PHE C 118 -8.43 -4.37 18.25
C PHE C 118 -7.87 -5.69 18.83
N LYS C 119 -6.62 -5.59 19.21
CA LYS C 119 -5.98 -6.69 19.96
C LYS C 119 -6.05 -6.32 21.42
N VAL C 120 -6.52 -7.25 22.25
CA VAL C 120 -6.48 -7.12 23.74
C VAL C 120 -5.07 -7.34 24.32
N ILE C 121 -4.49 -6.28 24.88
CA ILE C 121 -3.13 -6.34 25.38
C ILE C 121 -3.04 -6.37 26.93
N LYS C 122 -4.18 -6.16 27.60
CA LYS C 122 -4.25 -6.30 29.05
C LYS C 122 -5.61 -6.85 29.41
N GLU C 123 -5.65 -7.65 30.46
CA GLU C 123 -6.88 -8.36 30.80
C GLU C 123 -7.99 -7.30 30.91
N ILE C 124 -9.14 -7.57 30.31
CA ILE C 124 -10.22 -6.59 30.28
C ILE C 124 -10.82 -6.57 31.70
N PRO C 125 -11.16 -5.38 32.24
CA PRO C 125 -11.66 -5.34 33.59
C PRO C 125 -12.93 -6.16 33.68
N ALA C 126 -13.21 -6.70 34.84
CA ALA C 126 -14.42 -7.51 35.08
C ALA C 126 -15.73 -6.82 34.76
N GLU C 127 -15.85 -5.52 35.07
CA GLU C 127 -17.06 -4.73 34.74
C GLU C 127 -17.26 -4.47 33.22
N GLY C 128 -16.28 -4.80 32.43
CA GLY C 128 -16.28 -4.50 31.00
C GLY C 128 -15.70 -3.14 30.67
N ILE C 129 -15.34 -2.94 29.40
CA ILE C 129 -15.08 -1.62 28.88
C ILE C 129 -15.82 -1.38 27.57
N LYS C 130 -16.09 -0.11 27.29
CA LYS C 130 -16.65 0.20 25.98
C LYS C 130 -15.50 -0.13 25.01
N LEU C 131 -15.81 -0.82 23.94
CA LEU C 131 -14.72 -1.24 23.01
C LEU C 131 -14.05 0.02 22.39
N ALA C 132 -14.91 0.99 22.07
CA ALA C 132 -14.47 2.24 21.53
C ALA C 132 -15.59 3.23 21.55
N THR C 133 -15.22 4.50 21.33
CA THR C 133 -16.25 5.56 21.26
C THR C 133 -16.10 6.47 20.08
N PHE C 134 -17.19 6.74 19.33
CA PHE C 134 -17.13 7.75 18.31
C PHE C 134 -17.27 9.12 18.99
N GLU C 135 -16.28 9.97 18.79
CA GLU C 135 -16.31 11.29 19.40
C GLU C 135 -15.31 12.21 18.67
N ASN C 136 -15.62 13.51 18.65
CA ASN C 136 -14.81 14.54 17.95
C ASN C 136 -13.41 14.68 18.49
N GLY C 137 -12.41 14.44 17.63
CA GLY C 137 -11.04 14.84 17.93
C GLY C 137 -10.89 16.26 17.44
N SER C 138 -9.67 16.78 17.47
CA SER C 138 -9.49 18.22 17.23
C SER C 138 -9.71 18.58 15.76
N SER C 139 -9.61 17.62 14.85
CA SER C 139 -9.83 18.00 13.43
C SER C 139 -11.30 17.74 12.98
N MET C 140 -12.15 17.29 13.91
CA MET C 140 -13.58 17.18 13.63
C MET C 140 -14.38 18.05 14.59
N ASN C 141 -13.87 19.23 14.86
CA ASN C 141 -14.48 20.09 15.89
C ASN C 141 -15.91 20.53 15.50
N ASN C 142 -16.20 20.49 14.19
CA ASN C 142 -17.52 20.89 13.63
C ASN C 142 -18.56 19.76 13.56
N ALA C 143 -18.16 18.54 13.95
CA ALA C 143 -18.97 17.38 13.69
C ALA C 143 -19.80 17.04 14.93
N VAL C 144 -20.74 16.10 14.81
CA VAL C 144 -21.43 15.54 15.97
C VAL C 144 -21.01 14.07 16.15
N ASP C 145 -20.52 13.77 17.35
CA ASP C 145 -20.22 12.40 17.76
C ASP C 145 -19.23 11.72 16.84
N GLY C 146 -18.19 12.48 16.45
CA GLY C 146 -17.06 11.87 15.78
C GLY C 146 -17.36 11.32 14.37
N THR C 147 -18.41 11.84 13.74
CA THR C 147 -18.90 11.23 12.52
C THR C 147 -19.28 12.28 11.50
N MET C 148 -18.76 12.15 10.29
CA MET C 148 -19.23 12.92 9.23
C MET C 148 -19.59 11.97 8.08
N LEU C 149 -20.75 12.20 7.49
CA LEU C 149 -21.24 11.40 6.34
C LEU C 149 -21.58 12.29 5.16
N PHE C 150 -21.37 11.79 3.93
CA PHE C 150 -21.59 12.63 2.78
C PHE C 150 -22.41 11.94 1.71
N ASP C 151 -23.08 12.72 0.85
CA ASP C 151 -23.84 12.09 -0.23
C ASP C 151 -23.12 12.28 -1.57
N TRP C 152 -23.70 11.75 -2.66
CA TRP C 152 -23.01 11.81 -3.94
C TRP C 152 -23.09 13.17 -4.65
N ASP C 153 -23.76 14.15 -4.03
CA ASP C 153 -23.61 15.55 -4.43
C ASP C 153 -22.44 16.24 -3.75
N GLY C 154 -21.79 15.52 -2.82
CA GLY C 154 -20.66 16.01 -2.08
C GLY C 154 -21.15 16.84 -0.91
N ASN C 155 -22.44 16.72 -0.59
CA ASN C 155 -23.02 17.40 0.56
C ASN C 155 -22.72 16.61 1.86
N MET C 156 -22.49 17.32 2.96
CA MET C 156 -22.46 16.70 4.25
C MET C 156 -23.86 16.23 4.52
N TYR C 157 -24.01 14.96 4.80
CA TYR C 157 -25.28 14.38 5.14
C TYR C 157 -25.57 14.87 6.54
N SER C 158 -26.64 15.66 6.71
CA SER C 158 -26.86 16.37 7.97
C SER C 158 -26.87 15.47 9.18
N SER C 159 -26.19 15.94 10.22
CA SER C 159 -26.11 15.21 11.50
C SER C 159 -27.42 15.01 12.25
N SER C 160 -28.52 15.63 11.83
CA SER C 160 -29.81 15.29 12.50
C SER C 160 -30.61 14.25 11.70
N ALA C 161 -30.09 13.83 10.55
CA ALA C 161 -30.72 12.81 9.75
C ALA C 161 -30.33 11.39 10.20
N TYR C 162 -29.36 11.29 11.10
CA TYR C 162 -28.93 9.93 11.52
C TYR C 162 -28.42 9.85 12.97
N LYS C 163 -28.63 8.69 13.56
CA LYS C 163 -28.13 8.37 14.89
C LYS C 163 -26.80 7.62 14.75
N VAL C 164 -25.87 8.00 15.60
CA VAL C 164 -24.67 7.21 15.76
C VAL C 164 -24.91 6.32 16.95
N VAL C 165 -24.83 5.01 16.72
CA VAL C 165 -25.05 4.03 17.79
C VAL C 165 -23.68 3.58 18.33
N GLN C 166 -23.35 3.96 19.56
CA GLN C 166 -21.96 3.74 20.05
C GLN C 166 -21.69 2.27 20.25
N PRO C 167 -20.44 1.84 20.05
CA PRO C 167 -20.14 0.43 20.37
C PRO C 167 -20.47 0.08 21.84
N GLY C 168 -20.80 -1.19 22.07
CA GLY C 168 -21.05 -1.65 23.45
C GLY C 168 -19.78 -2.12 24.12
N LEU C 169 -19.96 -2.98 25.10
CA LEU C 169 -18.90 -3.39 25.96
C LEU C 169 -18.31 -4.67 25.50
N ILE C 170 -17.03 -4.82 25.81
CA ILE C 170 -16.35 -6.15 25.83
C ILE C 170 -15.98 -6.61 27.27
N TYR C 171 -15.85 -7.93 27.48
CA TYR C 171 -15.58 -8.51 28.81
C TYR C 171 -14.45 -9.51 28.72
N PRO C 172 -13.78 -9.80 29.85
CA PRO C 172 -12.71 -10.77 29.84
C PRO C 172 -13.30 -12.18 29.70
N LYS C 173 -12.62 -13.09 29.03
CA LYS C 173 -13.20 -14.40 28.72
C LYS C 173 -13.94 -15.10 29.89
N MET D 1 -10.21 33.69 6.81
CA MET D 1 -9.47 34.18 8.01
C MET D 1 -7.99 34.24 7.68
N PHE D 2 -7.22 34.71 8.64
CA PHE D 2 -5.78 34.90 8.50
C PHE D 2 -5.01 33.62 8.26
N VAL D 3 -5.26 32.64 9.06
CA VAL D 3 -4.67 31.31 8.82
C VAL D 3 -5.33 30.48 7.69
N LYS D 4 -4.50 30.05 6.73
CA LYS D 4 -4.98 29.31 5.55
C LYS D 4 -4.06 28.13 5.40
N LEU D 5 -4.32 27.08 6.18
CA LEU D 5 -3.55 25.86 6.04
C LEU D 5 -3.69 25.33 4.62
N LYS D 6 -2.60 24.76 4.13
CA LYS D 6 -2.54 24.07 2.85
C LYS D 6 -3.53 22.92 2.96
N GLY D 7 -4.56 22.96 2.12
CA GLY D 7 -5.55 21.88 2.10
C GLY D 7 -6.81 22.24 2.83
N ASP D 8 -6.79 23.38 3.53
CA ASP D 8 -8.00 23.87 4.21
C ASP D 8 -8.97 24.55 3.19
N LEU D 9 -9.71 23.78 2.41
CA LEU D 9 -10.53 24.36 1.34
C LEU D 9 -11.74 25.19 1.79
N ASN D 10 -12.25 24.93 2.99
CA ASN D 10 -13.44 25.64 3.45
C ASN D 10 -13.12 26.59 4.59
N GLY D 11 -11.83 26.84 4.81
CA GLY D 11 -11.39 27.89 5.74
C GLY D 11 -11.86 27.78 7.19
N ASP D 12 -11.97 26.56 7.71
CA ASP D 12 -12.42 26.35 9.10
C ASP D 12 -11.28 26.07 10.09
N GLY D 13 -10.02 26.11 9.63
CA GLY D 13 -8.91 25.83 10.55
C GLY D 13 -8.45 24.38 10.70
N VAL D 14 -9.18 23.43 10.09
CA VAL D 14 -8.87 21.99 10.21
C VAL D 14 -8.92 21.34 8.82
N ILE D 15 -8.18 20.28 8.66
CA ILE D 15 -8.16 19.57 7.41
C ILE D 15 -8.87 18.27 7.68
N ASN D 16 -10.05 18.10 7.10
CA ASN D 16 -10.79 16.85 7.19
C ASN D 16 -11.53 16.49 5.87
N MET D 17 -12.53 15.64 5.99
CA MET D 17 -13.19 15.03 4.81
C MET D 17 -14.07 16.06 4.09
N ALA D 18 -14.53 17.07 4.84
CA ALA D 18 -15.32 18.16 4.26
C ALA D 18 -14.50 18.92 3.25
N ASP D 19 -13.20 19.09 3.53
CA ASP D 19 -12.28 19.64 2.53
C ASP D 19 -12.08 18.70 1.34
N VAL D 20 -11.90 17.42 1.61
CA VAL D 20 -11.69 16.47 0.48
C VAL D 20 -12.94 16.43 -0.43
N MET D 21 -14.12 16.61 0.15
CA MET D 21 -15.40 16.59 -0.57
C MET D 21 -15.55 17.80 -1.53
N ILE D 22 -14.81 18.87 -1.24
CA ILE D 22 -14.72 20.05 -2.09
C ILE D 22 -13.85 19.76 -3.31
N LEU D 23 -12.74 19.07 -3.13
CA LEU D 23 -12.01 18.50 -4.26
C LEU D 23 -12.99 17.61 -5.05
N ALA D 24 -13.68 16.72 -4.32
CA ALA D 24 -14.55 15.72 -4.89
C ALA D 24 -15.60 16.37 -5.80
N GLN D 25 -16.32 17.35 -5.25
CA GLN D 25 -17.36 18.06 -5.98
C GLN D 25 -16.89 18.60 -7.35
N SER D 26 -15.60 18.94 -7.43
CA SER D 26 -15.04 19.51 -8.63
C SER D 26 -14.33 18.48 -9.50
N PHE D 27 -14.28 17.22 -9.07
CA PHE D 27 -13.54 16.20 -9.81
C PHE D 27 -14.08 16.08 -11.22
N GLY D 28 -13.18 16.25 -12.18
CA GLY D 28 -13.52 16.12 -13.59
C GLY D 28 -14.06 17.42 -14.17
N LYS D 29 -13.82 18.51 -13.43
CA LYS D 29 -14.14 19.87 -13.86
C LYS D 29 -12.91 20.75 -13.63
N ASP D 45 -1.03 21.95 -11.50
CA ASP D 45 -0.95 21.26 -12.81
C ASP D 45 -2.13 21.54 -13.76
N GLY D 46 -3.07 22.39 -13.36
CA GLY D 46 -4.16 22.77 -14.25
C GLY D 46 -5.45 21.96 -14.10
N VAL D 47 -5.37 20.79 -13.47
CA VAL D 47 -6.59 20.06 -13.14
C VAL D 47 -6.67 19.61 -11.67
N ILE D 48 -7.90 19.33 -11.27
CA ILE D 48 -8.16 18.76 -9.98
C ILE D 48 -8.61 17.29 -10.15
N ASN D 49 -7.77 16.39 -9.66
CA ASN D 49 -8.01 14.97 -9.78
C ASN D 49 -7.31 14.24 -8.65
N SER D 50 -7.05 12.94 -8.86
CA SER D 50 -6.50 12.09 -7.84
C SER D 50 -5.07 12.41 -7.37
N ASP D 51 -4.29 13.18 -8.14
CA ASP D 51 -2.94 13.62 -7.70
C ASP D 51 -3.05 14.66 -6.60
N ASP D 52 -4.06 15.52 -6.72
CA ASP D 52 -4.36 16.55 -5.73
C ASP D 52 -4.80 15.93 -4.40
N ALA D 53 -5.46 14.78 -4.46
CA ALA D 53 -5.94 14.10 -3.28
C ALA D 53 -4.78 13.54 -2.45
N ILE D 54 -3.74 13.07 -3.15
CA ILE D 54 -2.56 12.48 -2.50
C ILE D 54 -1.87 13.52 -1.64
N ILE D 55 -1.72 14.73 -2.21
CA ILE D 55 -1.21 15.89 -1.51
C ILE D 55 -2.13 16.27 -0.34
N LEU D 56 -3.43 16.37 -0.58
CA LEU D 56 -4.42 16.71 0.46
C LEU D 56 -4.32 15.74 1.66
N ALA D 57 -3.99 14.48 1.36
CA ALA D 57 -3.91 13.43 2.37
C ALA D 57 -2.67 13.58 3.26
N GLN D 58 -1.63 14.22 2.72
CA GLN D 58 -0.42 14.59 3.47
C GLN D 58 -0.84 15.49 4.64
N TYR D 59 -1.78 16.38 4.35
CA TYR D 59 -2.23 17.38 5.32
C TYR D 59 -3.44 16.93 6.13
N PHE D 60 -4.13 15.88 5.66
CA PHE D 60 -5.28 15.34 6.39
C PHE D 60 -5.07 15.24 7.92
N GLY D 61 -5.92 15.91 8.70
CA GLY D 61 -5.80 15.85 10.17
C GLY D 61 -5.10 17.03 10.85
N LYS D 62 -4.38 17.86 10.09
CA LYS D 62 -3.71 19.09 10.59
C LYS D 62 -4.72 20.10 11.11
N THR D 63 -4.38 20.80 12.21
CA THR D 63 -5.20 21.90 12.75
C THR D 63 -4.29 23.12 13.04
N LYS D 64 -4.84 24.33 12.93
CA LYS D 64 -4.08 25.56 13.16
C LYS D 64 -3.77 25.76 14.65
#